data_6KBY
#
_entry.id   6KBY
#
_cell.length_a   132.270
_cell.length_b   60.230
_cell.length_c   56.140
_cell.angle_alpha   90.000
_cell.angle_beta   112.040
_cell.angle_gamma   90.000
#
_symmetry.space_group_name_H-M   'C 1 2 1'
#
loop_
_entity.id
_entity.type
_entity.pdbx_description
1 polymer Beta-lactamase
2 non-polymer 'ADENOSINE MONOPHOSPHATE'
3 water water
#
_entity_poly.entity_id   1
_entity_poly.type   'polypeptide(L)'
_entity_poly.pdbx_seq_one_letter_code
;MHHHHHHANIDESKIKDTVDDLIQPLMQKNNIPGMSVAVTVNGKNYIYNYGLAAKQPQQPVTENTLFEVGSLSKTFAATL
ASYAQVSGKLSLDQSVSHYVPELRGSSFDHVSVLNVGTHTSGLQLFMPEDIKNTTQLMAYLKAWKPADAAGTHRVYSNIG
TGLLGMIAAKSLGVSYEDAIEKTLLPQLGMHHSYLKVPADQMENYAWGYNKKDEPVHVNMEILGNEAYGIKTTSSDLLRY
VQANMGQLKLDANAKMQQALTATHTGYFKSGEITQDLMWEQLPYPVSLPNLLTGNDMAMTKSVATPIVPPLPPQENVWIN
KTGSTNGFGAYIAFVPAKKMGIVMLANKNYSIDQRVTVAYKILSSLEGNK
;
_entity_poly.pdbx_strand_id   A
#
# COMPACT_ATOMS: atom_id res chain seq x y z
N HIS A 6 16.60 21.41 -19.13
CA HIS A 6 17.51 20.34 -19.56
C HIS A 6 18.96 20.78 -19.51
N HIS A 7 19.80 20.01 -18.83
CA HIS A 7 21.19 20.34 -18.61
C HIS A 7 22.06 19.12 -18.83
N ALA A 8 23.30 19.36 -19.28
CA ALA A 8 24.26 18.29 -19.49
C ALA A 8 24.96 17.96 -18.18
N ASN A 9 25.41 16.70 -18.07
CA ASN A 9 26.17 16.23 -16.92
C ASN A 9 25.36 16.29 -15.63
N ILE A 10 24.05 16.23 -15.75
CA ILE A 10 23.12 16.27 -14.62
C ILE A 10 22.25 15.02 -14.69
N ASP A 11 22.31 14.19 -13.67
CA ASP A 11 21.45 13.01 -13.63
C ASP A 11 19.98 13.39 -13.65
N GLU A 12 19.62 14.53 -13.04
CA GLU A 12 18.22 14.92 -12.96
C GLU A 12 17.57 15.00 -14.34
N SER A 13 18.26 15.62 -15.30
CA SER A 13 17.69 15.75 -16.63
C SER A 13 17.55 14.40 -17.31
N LYS A 14 18.48 13.49 -17.05
CA LYS A 14 18.39 12.14 -17.59
C LYS A 14 17.19 11.41 -17.01
N ILE A 15 16.98 11.53 -15.70
CA ILE A 15 15.84 10.86 -15.07
C ILE A 15 14.53 11.41 -15.61
N LYS A 16 14.43 12.73 -15.73
CA LYS A 16 13.21 13.32 -16.27
C LYS A 16 12.93 12.81 -17.67
N ASP A 17 13.97 12.70 -18.52
CA ASP A 17 13.78 12.18 -19.86
C ASP A 17 13.26 10.75 -19.82
N THR A 18 13.87 9.92 -18.99
CA THR A 18 13.42 8.53 -18.88
C THR A 18 11.97 8.46 -18.44
N VAL A 19 11.60 9.25 -17.43
CA VAL A 19 10.24 9.20 -16.91
C VAL A 19 9.24 9.76 -17.93
N ASP A 20 9.53 10.96 -18.46
CA ASP A 20 8.65 11.56 -19.47
C ASP A 20 8.40 10.60 -20.63
N ASP A 21 9.46 9.96 -21.11
CA ASP A 21 9.36 9.10 -22.30
C ASP A 21 8.50 7.87 -22.07
N LEU A 22 8.35 7.44 -20.82
CA LEU A 22 7.46 6.33 -20.49
C LEU A 22 6.06 6.80 -20.10
N ILE A 23 5.97 7.90 -19.35
CA ILE A 23 4.68 8.33 -18.81
C ILE A 23 3.81 8.97 -19.88
N GLN A 24 4.38 9.78 -20.76
CA GLN A 24 3.53 10.43 -21.77
C GLN A 24 2.82 9.43 -22.67
N PRO A 25 3.49 8.43 -23.25
CA PRO A 25 2.74 7.44 -24.04
C PRO A 25 1.78 6.61 -23.18
N LEU A 26 2.18 6.28 -21.95
CA LEU A 26 1.29 5.56 -21.05
C LEU A 26 -0.02 6.30 -20.85
N MET A 27 0.06 7.60 -20.58
CA MET A 27 -1.14 8.38 -20.34
C MET A 27 -1.96 8.54 -21.62
N GLN A 28 -1.29 8.71 -22.76
CA GLN A 28 -1.99 8.85 -24.03
C GLN A 28 -2.81 7.59 -24.33
N LYS A 29 -2.16 6.44 -24.33
CA LYS A 29 -2.84 5.24 -24.82
C LYS A 29 -3.90 4.76 -23.84
N ASN A 30 -3.70 4.98 -22.53
CA ASN A 30 -4.68 4.56 -21.54
C ASN A 30 -5.70 5.65 -21.22
N ASN A 31 -5.54 6.83 -21.81
CA ASN A 31 -6.42 7.96 -21.53
C ASN A 31 -6.46 8.29 -20.04
N ILE A 32 -5.29 8.31 -19.42
CA ILE A 32 -5.15 8.69 -18.01
C ILE A 32 -5.08 10.20 -17.94
N PRO A 33 -6.00 10.87 -17.23
CA PRO A 33 -5.97 12.36 -17.27
C PRO A 33 -4.77 12.97 -16.59
N GLY A 34 -4.35 12.43 -15.44
CA GLY A 34 -3.30 13.05 -14.65
C GLY A 34 -2.47 12.03 -13.91
N MET A 35 -1.18 12.33 -13.78
CA MET A 35 -0.28 11.49 -13.00
C MET A 35 0.71 12.34 -12.25
N SER A 36 1.23 11.77 -11.17
CA SER A 36 2.46 12.26 -10.56
C SER A 36 3.37 11.07 -10.31
N VAL A 37 4.64 11.23 -10.67
CA VAL A 37 5.64 10.21 -10.45
C VAL A 37 6.74 10.83 -9.60
N ALA A 38 7.07 10.16 -8.50
CA ALA A 38 8.12 10.61 -7.59
C ALA A 38 9.19 9.53 -7.55
N VAL A 39 10.44 9.95 -7.70
CA VAL A 39 11.60 9.05 -7.70
C VAL A 39 12.60 9.55 -6.67
N THR A 40 13.17 8.62 -5.91
CA THR A 40 14.33 8.92 -5.07
C THR A 40 15.50 8.04 -5.47
N VAL A 41 16.68 8.64 -5.56
CA VAL A 41 17.93 7.91 -5.78
C VAL A 41 19.07 8.83 -5.38
N ASN A 42 20.13 8.25 -4.80
CA ASN A 42 21.30 9.00 -4.38
C ASN A 42 20.94 10.08 -3.36
N GLY A 43 19.90 9.85 -2.56
CA GLY A 43 19.46 10.81 -1.58
C GLY A 43 18.71 12.00 -2.13
N LYS A 44 18.43 12.02 -3.42
CA LYS A 44 17.78 13.14 -4.08
C LYS A 44 16.36 12.73 -4.48
N ASN A 45 15.45 13.70 -4.45
CA ASN A 45 14.04 13.44 -4.72
C ASN A 45 13.58 14.24 -5.92
N TYR A 46 12.86 13.58 -6.81
CA TYR A 46 12.40 14.17 -8.06
C TYR A 46 10.90 13.92 -8.17
N ILE A 47 10.15 14.97 -8.46
CA ILE A 47 8.69 14.88 -8.58
C ILE A 47 8.31 15.38 -9.96
N TYR A 48 7.58 14.58 -10.72
CA TYR A 48 7.14 14.93 -12.06
C TYR A 48 5.63 14.85 -12.13
N ASN A 49 4.99 15.94 -12.54
CA ASN A 49 3.55 16.04 -12.61
C ASN A 49 3.11 16.16 -14.06
N TYR A 50 1.99 15.51 -14.39
CA TYR A 50 1.52 15.43 -15.77
C TYR A 50 0.01 15.61 -15.81
N GLY A 51 -0.46 16.44 -16.73
CA GLY A 51 -1.87 16.42 -17.05
C GLY A 51 -2.77 17.03 -15.97
N LEU A 52 -3.95 16.45 -15.85
CA LEU A 52 -5.08 17.07 -15.16
C LEU A 52 -5.54 16.25 -13.96
N ALA A 53 -5.69 16.94 -12.83
CA ALA A 53 -6.36 16.37 -11.67
C ALA A 53 -7.86 16.30 -11.87
N ALA A 54 -8.43 17.22 -12.66
CA ALA A 54 -9.85 17.23 -12.97
C ALA A 54 -10.03 17.79 -14.37
N LYS A 55 -11.02 17.26 -15.09
CA LYS A 55 -11.28 17.71 -16.45
C LYS A 55 -12.19 18.92 -16.53
N GLN A 56 -13.22 18.96 -15.69
CA GLN A 56 -14.25 19.98 -15.82
C GLN A 56 -14.83 20.38 -14.47
N PRO A 57 -14.50 21.59 -13.98
CA PRO A 57 -13.54 22.54 -14.56
C PRO A 57 -12.11 22.01 -14.51
N GLN A 58 -11.31 22.40 -15.50
CA GLN A 58 -9.97 21.86 -15.65
C GLN A 58 -9.07 22.30 -14.49
N GLN A 59 -8.34 21.34 -13.92
CA GLN A 59 -7.37 21.63 -12.87
C GLN A 59 -6.14 20.77 -13.12
N PRO A 60 -4.95 21.36 -13.13
CA PRO A 60 -3.74 20.58 -13.39
C PRO A 60 -3.30 19.82 -12.15
N VAL A 61 -2.57 18.73 -12.38
CA VAL A 61 -1.82 18.08 -11.31
C VAL A 61 -0.70 19.03 -10.89
N THR A 62 -0.58 19.27 -9.58
CA THR A 62 0.46 20.10 -9.00
C THR A 62 1.13 19.31 -7.89
N GLU A 63 2.12 19.95 -7.25
CA GLU A 63 2.78 19.34 -6.10
C GLU A 63 1.81 19.02 -4.96
N ASN A 64 0.64 19.68 -4.94
CA ASN A 64 -0.32 19.51 -3.85
C ASN A 64 -1.43 18.53 -4.17
N THR A 65 -1.45 17.95 -5.36
CA THR A 65 -2.59 17.12 -5.76
C THR A 65 -2.65 15.85 -4.93
N LEU A 66 -3.83 15.57 -4.40
CA LEU A 66 -4.12 14.37 -3.65
C LEU A 66 -4.75 13.34 -4.57
N PHE A 67 -4.20 12.12 -4.53
CA PHE A 67 -4.74 10.99 -5.25
C PHE A 67 -5.22 9.94 -4.25
N GLU A 68 -6.29 9.23 -4.61
CA GLU A 68 -6.62 8.00 -3.90
C GLU A 68 -5.57 6.95 -4.23
N VAL A 69 -5.14 6.21 -3.22
CA VAL A 69 -4.16 5.16 -3.43
C VAL A 69 -4.68 3.77 -3.12
N GLY A 70 -5.96 3.63 -2.80
CA GLY A 70 -6.54 2.31 -2.63
C GLY A 70 -5.69 1.44 -1.71
N SER A 71 -5.24 0.27 -2.17
CA SER A 71 -4.56 -0.68 -1.29
C SER A 71 -3.16 -0.29 -0.84
N LEU A 72 -2.56 0.80 -1.35
CA LEU A 72 -1.39 1.28 -0.63
C LEU A 72 -1.76 1.51 0.82
N SER A 73 -3.05 1.78 1.09
CA SER A 73 -3.52 1.98 2.44
C SER A 73 -3.26 0.78 3.34
N LYS A 74 -3.23 -0.42 2.77
CA LYS A 74 -3.01 -1.60 3.59
C LYS A 74 -1.65 -1.55 4.27
N THR A 75 -0.65 -0.92 3.63
CA THR A 75 0.66 -0.85 4.25
C THR A 75 0.65 0.07 5.47
N PHE A 76 -0.25 1.04 5.51
CA PHE A 76 -0.39 1.88 6.70
C PHE A 76 -1.02 1.11 7.85
N ALA A 77 -2.01 0.26 7.55
CA ALA A 77 -2.55 -0.62 8.58
C ALA A 77 -1.47 -1.52 9.15
N ALA A 78 -0.60 -2.06 8.27
CA ALA A 78 0.50 -2.89 8.74
C ALA A 78 1.51 -2.08 9.55
N THR A 79 1.85 -0.87 9.09
CA THR A 79 2.76 -0.05 9.87
C THR A 79 2.21 0.24 11.25
N LEU A 80 0.89 0.48 11.34
CA LEU A 80 0.28 0.69 12.65
C LEU A 80 0.35 -0.56 13.52
N ALA A 81 0.06 -1.73 12.95
CA ALA A 81 0.17 -2.97 13.71
C ALA A 81 1.60 -3.20 14.18
N SER A 82 2.57 -2.91 13.30
CA SER A 82 3.97 -3.07 13.66
C SER A 82 4.35 -2.09 14.77
N TYR A 83 3.83 -0.85 14.70
CA TYR A 83 4.07 0.12 15.76
C TYR A 83 3.49 -0.36 17.08
N ALA A 84 2.28 -0.89 17.06
CA ALA A 84 1.72 -1.47 18.28
C ALA A 84 2.57 -2.62 18.79
N GLN A 85 3.09 -3.44 17.88
CA GLN A 85 3.89 -4.59 18.28
C GLN A 85 5.19 -4.16 18.95
N VAL A 86 5.94 -3.25 18.31
CA VAL A 86 7.20 -2.82 18.90
C VAL A 86 6.97 -1.99 20.16
N SER A 87 5.77 -1.43 20.34
CA SER A 87 5.41 -0.71 21.56
C SER A 87 4.93 -1.63 22.67
N GLY A 88 4.92 -2.95 22.44
CA GLY A 88 4.53 -3.89 23.47
C GLY A 88 3.04 -4.06 23.65
N LYS A 89 2.22 -3.61 22.70
CA LYS A 89 0.77 -3.65 22.84
C LYS A 89 0.13 -4.79 22.08
N LEU A 90 0.87 -5.48 21.23
CA LEU A 90 0.32 -6.44 20.30
C LEU A 90 1.37 -7.52 20.08
N SER A 91 0.95 -8.78 20.09
CA SER A 91 1.77 -9.89 19.61
C SER A 91 1.11 -10.47 18.36
N LEU A 92 1.88 -10.54 17.28
CA LEU A 92 1.34 -11.02 16.01
C LEU A 92 0.95 -12.48 16.05
N ASP A 93 1.55 -13.27 16.94
CA ASP A 93 1.25 -14.68 17.00
C ASP A 93 -0.04 -15.00 17.75
N GLN A 94 -0.58 -14.05 18.52
CA GLN A 94 -1.81 -14.30 19.25
C GLN A 94 -3.00 -14.37 18.28
N SER A 95 -4.06 -15.01 18.74
CA SER A 95 -5.25 -15.16 17.91
C SER A 95 -6.01 -13.83 17.81
N VAL A 96 -6.80 -13.72 16.74
CA VAL A 96 -7.70 -12.58 16.60
C VAL A 96 -8.66 -12.51 17.77
N SER A 97 -9.21 -13.65 18.19
CA SER A 97 -10.20 -13.61 19.28
C SER A 97 -9.55 -13.25 20.61
N HIS A 98 -8.24 -13.44 20.76
CA HIS A 98 -7.57 -12.92 21.94
C HIS A 98 -7.78 -11.41 22.08
N TYR A 99 -7.73 -10.69 20.96
CA TYR A 99 -7.87 -9.24 20.98
C TYR A 99 -9.28 -8.75 20.72
N VAL A 100 -10.14 -9.57 20.13
CA VAL A 100 -11.51 -9.20 19.83
C VAL A 100 -12.39 -10.18 20.59
N PRO A 101 -12.68 -9.94 21.87
CA PRO A 101 -13.31 -10.97 22.71
C PRO A 101 -14.68 -11.41 22.24
N GLU A 102 -15.42 -10.55 21.52
CA GLU A 102 -16.70 -10.96 20.95
C GLU A 102 -16.56 -12.17 20.04
N LEU A 103 -15.38 -12.38 19.46
CA LEU A 103 -15.14 -13.48 18.54
C LEU A 103 -14.62 -14.74 19.22
N ARG A 104 -14.48 -14.74 20.55
CA ARG A 104 -14.03 -15.94 21.23
C ARG A 104 -15.07 -17.05 21.07
N GLY A 105 -14.58 -18.24 20.75
CA GLY A 105 -15.44 -19.35 20.42
C GLY A 105 -15.71 -19.53 18.94
N SER A 106 -15.32 -18.56 18.11
CA SER A 106 -15.54 -18.61 16.67
C SER A 106 -14.31 -19.16 15.98
N SER A 107 -14.34 -19.16 14.63
CA SER A 107 -13.17 -19.56 13.87
C SER A 107 -11.97 -18.68 14.15
N PHE A 108 -12.19 -17.47 14.67
CA PHE A 108 -11.08 -16.58 14.98
C PHE A 108 -10.28 -16.99 16.20
N ASP A 109 -10.71 -18.06 16.91
CA ASP A 109 -9.83 -18.68 17.88
C ASP A 109 -8.60 -19.30 17.22
N HIS A 110 -8.65 -19.54 15.91
CA HIS A 110 -7.59 -20.26 15.20
C HIS A 110 -6.99 -19.44 14.07
N VAL A 111 -7.27 -18.14 14.04
CA VAL A 111 -6.68 -17.21 13.09
C VAL A 111 -5.80 -16.27 13.88
N SER A 112 -4.53 -16.14 13.52
CA SER A 112 -3.66 -15.24 14.24
C SER A 112 -3.72 -13.84 13.65
N VAL A 113 -3.26 -12.86 14.44
CA VAL A 113 -3.07 -11.53 13.90
C VAL A 113 -2.13 -11.56 12.70
N LEU A 114 -1.07 -12.38 12.79
CA LEU A 114 -0.16 -12.53 11.67
C LEU A 114 -0.90 -13.00 10.43
N ASN A 115 -1.84 -13.94 10.58
CA ASN A 115 -2.61 -14.41 9.43
C ASN A 115 -3.34 -13.27 8.75
N VAL A 116 -4.05 -12.43 9.52
CA VAL A 116 -4.74 -11.33 8.84
C VAL A 116 -3.76 -10.30 8.28
N GLY A 117 -2.57 -10.18 8.87
CA GLY A 117 -1.55 -9.28 8.35
C GLY A 117 -0.80 -9.77 7.13
N THR A 118 -1.03 -11.02 6.73
CA THR A 118 -0.31 -11.65 5.62
C THR A 118 -1.26 -12.27 4.61
N HIS A 119 -2.56 -11.98 4.72
CA HIS A 119 -3.57 -12.53 3.81
C HIS A 119 -3.67 -14.04 3.89
N THR A 120 -3.38 -14.62 5.05
CA THR A 120 -3.45 -16.06 5.22
C THR A 120 -4.56 -16.52 6.15
N SER A 121 -5.51 -15.64 6.49
CA SER A 121 -6.65 -16.10 7.28
C SER A 121 -7.62 -16.95 6.46
N GLY A 122 -7.75 -16.66 5.17
CA GLY A 122 -8.79 -17.25 4.35
C GLY A 122 -10.03 -16.40 4.18
N LEU A 123 -10.12 -15.26 4.86
CA LEU A 123 -11.20 -14.33 4.58
C LEU A 123 -11.17 -13.92 3.11
N GLN A 124 -12.36 -13.73 2.55
CA GLN A 124 -12.48 -13.42 1.14
C GLN A 124 -12.00 -11.99 0.85
N LEU A 125 -11.95 -11.68 -0.45
CA LEU A 125 -11.40 -10.40 -0.89
C LEU A 125 -12.23 -9.22 -0.41
N PHE A 126 -13.54 -9.25 -0.66
CA PHE A 126 -14.40 -8.09 -0.44
C PHE A 126 -15.35 -8.30 0.74
N MET A 127 -15.49 -7.26 1.55
CA MET A 127 -16.53 -7.22 2.57
C MET A 127 -17.89 -7.43 1.92
N PRO A 128 -18.74 -8.31 2.43
CA PRO A 128 -20.12 -8.40 1.92
C PRO A 128 -20.77 -7.02 1.91
N GLU A 129 -21.44 -6.70 0.79
CA GLU A 129 -21.94 -5.35 0.60
C GLU A 129 -23.01 -4.97 1.61
N ASP A 130 -23.72 -5.96 2.16
CA ASP A 130 -24.81 -5.67 3.09
C ASP A 130 -24.33 -5.35 4.50
N ILE A 131 -23.04 -5.48 4.78
CA ILE A 131 -22.52 -5.19 6.12
C ILE A 131 -22.29 -3.69 6.22
N LYS A 132 -23.09 -3.02 7.06
CA LYS A 132 -23.05 -1.57 7.20
C LYS A 132 -22.54 -1.10 8.55
N ASN A 133 -22.69 -1.90 9.60
CA ASN A 133 -22.35 -1.46 10.94
C ASN A 133 -21.62 -2.56 11.69
N THR A 134 -21.14 -2.22 12.89
CA THR A 134 -20.34 -3.16 13.67
C THR A 134 -21.15 -4.38 14.08
N THR A 135 -22.44 -4.20 14.38
CA THR A 135 -23.29 -5.33 14.74
C THR A 135 -23.33 -6.37 13.62
N GLN A 136 -23.60 -5.92 12.39
CA GLN A 136 -23.63 -6.82 11.26
C GLN A 136 -22.25 -7.43 10.98
N LEU A 137 -21.20 -6.63 11.15
CA LEU A 137 -19.85 -7.13 10.93
C LEU A 137 -19.52 -8.27 11.89
N MET A 138 -19.81 -8.06 13.18
CA MET A 138 -19.49 -9.09 14.18
C MET A 138 -20.33 -10.34 13.96
N ALA A 139 -21.58 -10.19 13.53
CA ALA A 139 -22.40 -11.36 13.24
C ALA A 139 -21.81 -12.17 12.10
N TYR A 140 -21.32 -11.49 11.05
CA TYR A 140 -20.69 -12.18 9.95
C TYR A 140 -19.43 -12.90 10.40
N LEU A 141 -18.58 -12.20 11.16
CA LEU A 141 -17.31 -12.78 11.58
C LEU A 141 -17.52 -13.96 12.53
N LYS A 142 -18.55 -13.91 13.38
CA LYS A 142 -18.86 -15.03 14.26
C LYS A 142 -19.33 -16.26 13.49
N ALA A 143 -19.98 -16.06 12.35
CA ALA A 143 -20.52 -17.16 11.56
C ALA A 143 -19.55 -17.68 10.51
N TRP A 144 -18.47 -16.96 10.27
CA TRP A 144 -17.54 -17.29 9.19
C TRP A 144 -16.68 -18.49 9.55
N LYS A 145 -16.36 -19.31 8.54
CA LYS A 145 -15.42 -20.41 8.68
C LYS A 145 -14.60 -20.43 7.39
N PRO A 146 -13.27 -20.56 7.48
CA PRO A 146 -12.47 -20.59 6.27
C PRO A 146 -12.58 -21.93 5.55
N ALA A 147 -12.34 -21.91 4.24
CA ALA A 147 -12.38 -23.13 3.45
C ALA A 147 -11.20 -24.04 3.76
N ASP A 148 -10.06 -23.46 4.15
CA ASP A 148 -8.86 -24.19 4.54
C ASP A 148 -8.45 -23.68 5.90
N ALA A 149 -7.60 -24.43 6.59
CA ALA A 149 -7.09 -23.97 7.87
C ALA A 149 -6.31 -22.68 7.67
N ALA A 150 -6.52 -21.73 8.59
CA ALA A 150 -5.76 -20.49 8.55
C ALA A 150 -4.27 -20.81 8.56
N GLY A 151 -3.52 -20.13 7.69
CA GLY A 151 -2.10 -20.34 7.57
C GLY A 151 -1.66 -21.27 6.45
N THR A 152 -2.60 -21.83 5.68
CA THR A 152 -2.25 -22.75 4.61
C THR A 152 -2.29 -22.11 3.23
N HIS A 153 -3.11 -21.07 3.06
CA HIS A 153 -3.32 -20.45 1.75
C HIS A 153 -3.30 -18.94 1.89
N ARG A 154 -2.97 -18.29 0.79
CA ARG A 154 -3.02 -16.84 0.70
C ARG A 154 -4.23 -16.43 -0.14
N VAL A 155 -5.10 -15.62 0.44
CA VAL A 155 -6.24 -15.01 -0.23
C VAL A 155 -6.15 -13.53 0.13
N TYR A 156 -5.74 -12.72 -0.83
CA TYR A 156 -5.67 -11.28 -0.61
C TYR A 156 -7.02 -10.78 -0.13
N SER A 157 -7.05 -10.00 0.96
CA SER A 157 -8.32 -9.74 1.63
C SER A 157 -8.41 -8.32 2.18
N ASN A 158 -9.43 -7.59 1.74
CA ASN A 158 -9.75 -6.32 2.39
C ASN A 158 -10.26 -6.53 3.81
N ILE A 159 -10.98 -7.62 4.04
CA ILE A 159 -11.56 -7.87 5.37
C ILE A 159 -10.45 -8.15 6.38
N GLY A 160 -9.54 -9.05 6.04
CA GLY A 160 -8.44 -9.34 6.94
C GLY A 160 -7.61 -8.11 7.26
N THR A 161 -7.35 -7.28 6.25
CA THR A 161 -6.64 -6.03 6.49
C THR A 161 -7.41 -5.13 7.44
N GLY A 162 -8.73 -5.09 7.28
CA GLY A 162 -9.56 -4.35 8.20
C GLY A 162 -9.37 -4.79 9.64
N LEU A 163 -9.37 -6.11 9.87
CA LEU A 163 -9.16 -6.63 11.21
C LEU A 163 -7.76 -6.27 11.73
N LEU A 164 -6.75 -6.35 10.88
CA LEU A 164 -5.39 -5.99 11.30
C LEU A 164 -5.35 -4.57 11.84
N GLY A 165 -5.89 -3.62 11.08
CA GLY A 165 -5.86 -2.23 11.53
C GLY A 165 -6.75 -1.98 12.74
N MET A 166 -7.91 -2.61 12.76
CA MET A 166 -8.83 -2.47 13.89
C MET A 166 -8.18 -2.94 15.18
N ILE A 167 -7.53 -4.10 15.13
CA ILE A 167 -6.87 -4.65 16.31
C ILE A 167 -5.71 -3.76 16.73
N ALA A 168 -4.92 -3.30 15.77
CA ALA A 168 -3.80 -2.43 16.08
C ALA A 168 -4.26 -1.16 16.78
N ALA A 169 -5.28 -0.51 16.24
CA ALA A 169 -5.77 0.74 16.84
C ALA A 169 -6.30 0.49 18.25
N LYS A 170 -7.11 -0.57 18.41
CA LYS A 170 -7.66 -0.85 19.74
C LYS A 170 -6.54 -1.09 20.75
N SER A 171 -5.47 -1.77 20.35
CA SER A 171 -4.37 -2.02 21.27
C SER A 171 -3.68 -0.73 21.69
N LEU A 172 -3.81 0.32 20.89
CA LEU A 172 -3.27 1.64 21.21
C LEU A 172 -4.31 2.54 21.86
N GLY A 173 -5.51 2.03 22.12
CA GLY A 173 -6.52 2.78 22.85
C GLY A 173 -7.26 3.83 22.06
N VAL A 174 -7.21 3.78 20.72
CA VAL A 174 -7.81 4.80 19.87
C VAL A 174 -8.52 4.15 18.70
N SER A 175 -9.39 4.93 18.04
CA SER A 175 -9.98 4.49 16.79
C SER A 175 -8.91 4.42 15.72
N TYR A 176 -9.17 3.65 14.66
CA TYR A 176 -8.22 3.56 13.56
C TYR A 176 -7.99 4.93 12.92
N GLU A 177 -9.07 5.71 12.77
CA GLU A 177 -8.94 7.03 12.17
C GLU A 177 -8.02 7.93 12.99
N ASP A 178 -8.19 7.92 14.32
CA ASP A 178 -7.31 8.69 15.18
C ASP A 178 -5.89 8.15 15.15
N ALA A 179 -5.74 6.82 15.16
CA ALA A 179 -4.41 6.24 15.12
C ALA A 179 -3.64 6.71 13.89
N ILE A 180 -4.31 6.74 12.74
CA ILE A 180 -3.64 7.11 11.50
C ILE A 180 -3.44 8.62 11.39
N GLU A 181 -4.50 9.40 11.60
CA GLU A 181 -4.40 10.83 11.35
C GLU A 181 -3.80 11.62 12.52
N LYS A 182 -3.87 11.10 13.74
CA LYS A 182 -3.30 11.81 14.89
C LYS A 182 -1.96 11.26 15.34
N THR A 183 -1.67 9.98 15.10
CA THR A 183 -0.40 9.39 15.52
C THR A 183 0.51 9.05 14.34
N LEU A 184 0.08 8.17 13.44
CA LEU A 184 1.02 7.59 12.47
C LEU A 184 1.46 8.60 11.42
N LEU A 185 0.52 9.16 10.67
CA LEU A 185 0.91 10.11 9.64
C LEU A 185 1.65 11.32 10.19
N PRO A 186 1.23 11.93 11.30
CA PRO A 186 2.04 13.04 11.86
C PRO A 186 3.46 12.62 12.23
N GLN A 187 3.64 11.46 12.85
CA GLN A 187 4.99 11.01 13.23
C GLN A 187 5.85 10.73 12.02
N LEU A 188 5.24 10.35 10.89
CA LEU A 188 5.97 10.16 9.65
C LEU A 188 6.19 11.47 8.89
N GLY A 189 5.68 12.58 9.39
CA GLY A 189 5.83 13.83 8.68
C GLY A 189 5.00 13.94 7.43
N MET A 190 3.92 13.16 7.34
CA MET A 190 3.07 13.13 6.15
C MET A 190 1.85 13.99 6.42
N HIS A 191 2.04 15.30 6.23
CA HIS A 191 1.04 16.30 6.61
C HIS A 191 -0.02 16.51 5.56
N HIS A 192 0.15 15.95 4.36
CA HIS A 192 -0.83 16.04 3.29
C HIS A 192 -1.30 14.65 2.87
N SER A 193 -1.56 13.84 3.89
CA SER A 193 -2.07 12.48 3.75
C SER A 193 -3.25 12.35 4.69
N TYR A 194 -4.35 11.78 4.21
CA TYR A 194 -5.59 11.82 4.96
C TYR A 194 -6.41 10.56 4.71
N LEU A 195 -7.20 10.20 5.71
CA LEU A 195 -8.36 9.33 5.49
C LEU A 195 -9.60 10.14 5.13
N LYS A 196 -9.74 11.34 5.69
CA LYS A 196 -10.81 12.28 5.37
C LYS A 196 -10.15 13.59 4.95
N VAL A 197 -10.32 13.96 3.68
CA VAL A 197 -9.67 15.18 3.17
C VAL A 197 -10.36 16.40 3.79
N PRO A 198 -9.61 17.32 4.39
CA PRO A 198 -10.23 18.50 5.02
C PRO A 198 -10.61 19.55 3.98
N ALA A 199 -11.40 20.53 4.44
CA ALA A 199 -12.05 21.47 3.52
C ALA A 199 -11.02 22.29 2.75
N ASP A 200 -9.90 22.65 3.38
CA ASP A 200 -8.90 23.46 2.72
C ASP A 200 -8.06 22.67 1.71
N GLN A 201 -8.26 21.36 1.62
CA GLN A 201 -7.54 20.52 0.67
C GLN A 201 -8.44 19.94 -0.41
N MET A 202 -9.77 20.16 -0.32
CA MET A 202 -10.65 19.60 -1.33
C MET A 202 -10.30 20.11 -2.72
N GLU A 203 -9.83 21.35 -2.84
CA GLU A 203 -9.45 21.89 -4.14
C GLU A 203 -8.29 21.14 -4.74
N ASN A 204 -7.53 20.40 -3.93
CA ASN A 204 -6.38 19.63 -4.39
C ASN A 204 -6.69 18.16 -4.60
N TYR A 205 -7.91 17.73 -4.28
CA TYR A 205 -8.28 16.32 -4.36
C TYR A 205 -8.69 16.00 -5.79
N ALA A 206 -7.81 15.32 -6.52
CA ALA A 206 -8.10 14.95 -7.89
C ALA A 206 -9.37 14.13 -7.96
N TRP A 207 -10.06 14.23 -9.10
CA TRP A 207 -11.14 13.32 -9.41
C TRP A 207 -10.57 12.09 -10.11
N GLY A 208 -11.13 10.93 -9.79
CA GLY A 208 -10.81 9.73 -10.53
C GLY A 208 -11.75 9.56 -11.69
N TYR A 209 -11.31 8.83 -12.71
CA TYR A 209 -12.12 8.63 -13.90
C TYR A 209 -12.29 7.13 -14.13
N ASN A 210 -13.54 6.67 -14.02
CA ASN A 210 -13.82 5.23 -14.04
C ASN A 210 -13.80 4.71 -15.47
N LYS A 211 -14.24 3.46 -15.65
CA LYS A 211 -14.17 2.82 -16.97
C LYS A 211 -15.03 3.56 -17.99
N LYS A 212 -16.11 4.19 -17.56
CA LYS A 212 -16.93 5.00 -18.44
C LYS A 212 -16.53 6.47 -18.41
N ASP A 213 -15.37 6.77 -17.83
CA ASP A 213 -14.81 8.13 -17.81
C ASP A 213 -15.66 9.11 -17.02
N GLU A 214 -16.40 8.61 -16.05
CA GLU A 214 -17.16 9.43 -15.12
C GLU A 214 -16.24 9.83 -13.95
N PRO A 215 -16.31 11.07 -13.49
CA PRO A 215 -15.52 11.49 -12.32
C PRO A 215 -16.09 10.90 -11.04
N VAL A 216 -15.23 10.20 -10.28
CA VAL A 216 -15.66 9.50 -9.08
C VAL A 216 -14.64 9.68 -7.97
N HIS A 217 -15.15 9.65 -6.73
CA HIS A 217 -14.35 9.53 -5.52
C HIS A 217 -14.81 8.29 -4.77
N VAL A 218 -13.85 7.64 -4.09
CA VAL A 218 -14.12 6.37 -3.44
C VAL A 218 -15.12 6.54 -2.31
N ASN A 219 -16.03 5.58 -2.18
CA ASN A 219 -17.02 5.56 -1.11
C ASN A 219 -16.46 4.76 0.05
N MET A 220 -16.39 5.39 1.22
CA MET A 220 -15.78 4.78 2.39
C MET A 220 -16.83 4.02 3.20
N GLU A 221 -16.65 2.71 3.31
CA GLU A 221 -17.57 1.84 4.02
C GLU A 221 -16.85 1.17 5.21
N ILE A 222 -17.51 0.21 5.85
CA ILE A 222 -17.03 -0.30 7.13
C ILE A 222 -15.66 -0.98 6.97
N LEU A 223 -14.74 -0.65 7.89
CA LEU A 223 -13.35 -1.10 7.84
C LEU A 223 -12.63 -0.70 6.55
N GLY A 224 -13.19 0.27 5.82
CA GLY A 224 -12.59 0.69 4.57
C GLY A 224 -11.36 1.54 4.73
N ASN A 225 -11.27 2.33 5.81
CA ASN A 225 -10.09 3.13 6.01
C ASN A 225 -8.84 2.27 6.04
N GLU A 226 -8.92 1.13 6.74
CA GLU A 226 -7.80 0.21 6.86
C GLU A 226 -7.37 -0.33 5.52
N ALA A 227 -8.33 -0.68 4.66
CA ALA A 227 -8.04 -1.40 3.43
C ALA A 227 -7.78 -0.50 2.23
N TYR A 228 -8.42 0.68 2.19
CA TYR A 228 -8.35 1.46 0.95
C TYR A 228 -8.58 2.96 1.14
N GLY A 229 -8.45 3.53 2.34
CA GLY A 229 -8.93 4.88 2.58
C GLY A 229 -7.99 6.05 2.34
N ILE A 230 -6.70 5.84 2.08
CA ILE A 230 -5.74 6.95 2.09
C ILE A 230 -5.86 7.78 0.81
N LYS A 231 -5.86 9.10 0.98
CA LYS A 231 -5.62 10.07 -0.09
C LYS A 231 -4.35 10.83 0.27
N THR A 232 -3.45 11.01 -0.70
CA THR A 232 -2.12 11.52 -0.37
C THR A 232 -1.46 12.08 -1.63
N THR A 233 -0.36 12.78 -1.43
CA THR A 233 0.44 13.32 -2.53
C THR A 233 1.61 12.39 -2.82
N SER A 234 2.15 12.52 -4.03
CA SER A 234 3.34 11.75 -4.37
C SER A 234 4.51 12.14 -3.49
N SER A 235 4.59 13.40 -3.08
CA SER A 235 5.69 13.83 -2.20
C SER A 235 5.59 13.18 -0.82
N ASP A 236 4.38 13.12 -0.26
CA ASP A 236 4.22 12.44 1.02
C ASP A 236 4.56 10.96 0.90
N LEU A 237 4.13 10.32 -0.19
CA LEU A 237 4.47 8.91 -0.35
C LEU A 237 5.95 8.70 -0.60
N LEU A 238 6.62 9.64 -1.27
CA LEU A 238 8.06 9.49 -1.41
C LEU A 238 8.75 9.60 -0.05
N ARG A 239 8.25 10.47 0.83
CA ARG A 239 8.77 10.52 2.19
C ARG A 239 8.57 9.18 2.90
N TYR A 240 7.40 8.58 2.71
CA TYR A 240 7.10 7.27 3.28
C TYR A 240 8.08 6.22 2.77
N VAL A 241 8.38 6.27 1.48
CA VAL A 241 9.37 5.35 0.90
C VAL A 241 10.75 5.58 1.51
N GLN A 242 11.17 6.84 1.61
CA GLN A 242 12.46 7.14 2.22
C GLN A 242 12.50 6.68 3.67
N ALA A 243 11.42 6.89 4.42
CA ALA A 243 11.38 6.44 5.81
C ALA A 243 11.51 4.93 5.88
N ASN A 244 10.86 4.21 4.95
CA ASN A 244 10.98 2.77 4.85
C ASN A 244 12.40 2.32 4.48
N MET A 245 13.25 3.22 3.98
CA MET A 245 14.65 2.92 3.73
C MET A 245 15.58 3.56 4.75
N GLY A 246 15.03 4.05 5.85
CA GLY A 246 15.85 4.57 6.93
C GLY A 246 16.60 5.83 6.58
N GLN A 247 16.14 6.58 5.59
CA GLN A 247 16.91 7.72 5.09
C GLN A 247 16.64 9.01 5.84
N LEU A 248 15.63 9.05 6.69
CA LEU A 248 15.17 10.28 7.31
C LEU A 248 15.36 10.23 8.81
N LYS A 249 15.66 11.40 9.40
CA LYS A 249 15.65 11.56 10.84
C LYS A 249 14.21 11.84 11.24
N LEU A 250 13.49 10.78 11.59
CA LEU A 250 12.07 10.87 11.88
C LEU A 250 11.79 11.72 13.11
N ALA A 254 12.45 6.46 18.05
CA ALA A 254 13.07 5.35 17.33
C ALA A 254 12.06 4.24 17.09
N LYS A 255 10.98 4.23 17.89
CA LYS A 255 9.97 3.19 17.74
C LYS A 255 9.35 3.20 16.35
N MET A 256 9.16 4.40 15.78
CA MET A 256 8.55 4.48 14.46
C MET A 256 9.44 3.87 13.38
N GLN A 257 10.74 4.16 13.42
CA GLN A 257 11.63 3.54 12.44
C GLN A 257 11.63 2.03 12.58
N GLN A 258 11.68 1.54 13.84
CA GLN A 258 11.62 0.10 14.07
C GLN A 258 10.34 -0.47 13.48
N ALA A 259 9.23 0.23 13.68
CA ALA A 259 7.93 -0.25 13.19
C ALA A 259 7.93 -0.34 11.67
N LEU A 260 8.41 0.71 11.00
CA LEU A 260 8.47 0.72 9.54
C LEU A 260 9.29 -0.44 9.03
N THR A 261 10.51 -0.58 9.55
CA THR A 261 11.40 -1.62 9.07
C THR A 261 10.81 -3.00 9.30
N ALA A 262 10.19 -3.21 10.46
CA ALA A 262 9.67 -4.53 10.80
C ALA A 262 8.53 -4.97 9.89
N THR A 263 7.84 -4.03 9.23
CA THR A 263 6.80 -4.47 8.28
C THR A 263 7.40 -5.23 7.11
N HIS A 264 8.71 -5.10 6.87
CA HIS A 264 9.37 -5.80 5.77
C HIS A 264 9.78 -7.23 6.14
N THR A 265 9.46 -7.69 7.35
CA THR A 265 9.79 -9.05 7.74
C THR A 265 9.02 -10.02 6.85
N GLY A 266 9.71 -11.05 6.34
CA GLY A 266 9.10 -12.02 5.46
C GLY A 266 8.51 -13.19 6.21
N TYR A 267 7.21 -13.42 6.04
CA TYR A 267 6.48 -14.40 6.84
C TYR A 267 5.99 -15.60 6.06
N PHE A 268 5.67 -15.44 4.77
CA PHE A 268 5.20 -16.55 3.95
C PHE A 268 5.77 -16.40 2.55
N LYS A 269 6.01 -17.53 1.92
CA LYS A 269 6.26 -17.56 0.48
C LYS A 269 4.98 -18.01 -0.22
N SER A 270 4.67 -17.38 -1.33
CA SER A 270 3.52 -17.79 -2.13
C SER A 270 3.81 -17.41 -3.57
N GLY A 271 3.80 -18.40 -4.46
CA GLY A 271 4.17 -18.12 -5.84
C GLY A 271 5.56 -17.52 -5.90
N GLU A 272 5.68 -16.40 -6.60
CA GLU A 272 6.97 -15.74 -6.74
C GLU A 272 7.28 -14.77 -5.61
N ILE A 273 6.36 -14.51 -4.70
CA ILE A 273 6.55 -13.43 -3.73
C ILE A 273 6.87 -13.97 -2.34
N THR A 274 7.51 -13.10 -1.58
CA THR A 274 7.57 -13.20 -0.13
C THR A 274 6.55 -12.20 0.43
N GLN A 275 5.61 -12.71 1.21
CA GLN A 275 4.58 -11.88 1.83
C GLN A 275 5.12 -11.38 3.17
N ASP A 276 5.29 -10.06 3.28
CA ASP A 276 5.67 -9.40 4.52
C ASP A 276 4.39 -8.98 5.25
N LEU A 277 4.48 -8.00 6.15
CA LEU A 277 3.27 -7.48 6.79
C LEU A 277 2.70 -6.46 5.81
N MET A 278 1.74 -6.94 5.00
CA MET A 278 1.13 -6.22 3.87
C MET A 278 2.06 -5.93 2.70
N TRP A 279 3.26 -5.40 2.94
CA TRP A 279 4.23 -5.28 1.85
C TRP A 279 4.50 -6.65 1.25
N GLU A 280 4.87 -6.65 -0.04
CA GLU A 280 5.25 -7.85 -0.77
C GLU A 280 6.62 -7.61 -1.37
N GLN A 281 7.44 -8.66 -1.42
CA GLN A 281 8.80 -8.46 -1.94
C GLN A 281 9.24 -9.65 -2.77
N LEU A 282 10.27 -9.39 -3.57
CA LEU A 282 10.94 -10.41 -4.36
C LEU A 282 12.44 -10.18 -4.26
N PRO A 283 13.25 -11.23 -4.36
CA PRO A 283 14.70 -11.03 -4.36
C PRO A 283 15.15 -10.11 -5.49
N TYR A 284 16.17 -9.30 -5.20
CA TYR A 284 16.73 -8.35 -6.16
C TYR A 284 18.17 -8.78 -6.46
N PRO A 285 18.63 -8.70 -7.72
CA PRO A 285 17.92 -8.23 -8.92
C PRO A 285 16.73 -9.11 -9.26
N VAL A 286 15.65 -8.50 -9.71
CA VAL A 286 14.42 -9.24 -9.98
C VAL A 286 14.16 -9.18 -11.48
N SER A 287 13.63 -10.27 -12.02
CA SER A 287 13.27 -10.27 -13.43
C SER A 287 11.88 -9.68 -13.60
N LEU A 288 11.69 -8.99 -14.71
CA LEU A 288 10.35 -8.48 -15.01
C LEU A 288 9.30 -9.59 -15.05
N PRO A 289 9.54 -10.76 -15.68
CA PRO A 289 8.50 -11.79 -15.65
C PRO A 289 8.05 -12.19 -14.26
N ASN A 290 9.00 -12.36 -13.33
CA ASN A 290 8.61 -12.75 -11.97
C ASN A 290 7.89 -11.63 -11.24
N LEU A 291 8.29 -10.39 -11.49
CA LEU A 291 7.61 -9.26 -10.87
C LEU A 291 6.18 -9.15 -11.38
N LEU A 292 5.97 -9.39 -12.68
CA LEU A 292 4.62 -9.36 -13.23
C LEU A 292 3.77 -10.47 -12.63
N THR A 293 4.31 -11.69 -12.58
CA THR A 293 3.58 -12.80 -11.96
C THR A 293 3.26 -12.50 -10.51
N GLY A 294 4.25 -11.99 -9.78
CA GLY A 294 4.06 -11.65 -8.37
C GLY A 294 3.08 -10.53 -8.13
N ASN A 295 2.73 -9.76 -9.16
CA ASN A 295 1.73 -8.70 -9.07
C ASN A 295 0.42 -9.10 -9.76
N ASP A 296 0.20 -10.39 -9.93
CA ASP A 296 -1.05 -10.93 -10.46
C ASP A 296 -1.61 -11.97 -9.49
N MET A 297 -1.76 -11.56 -8.22
CA MET A 297 -2.19 -12.45 -7.15
C MET A 297 -3.36 -11.86 -6.36
N ALA A 298 -4.10 -10.94 -6.97
CA ALA A 298 -5.05 -10.12 -6.22
C ALA A 298 -6.37 -10.81 -5.93
N MET A 299 -6.78 -11.78 -6.76
CA MET A 299 -8.14 -12.27 -6.70
C MET A 299 -8.24 -13.79 -6.67
N THR A 300 -7.13 -14.50 -6.63
CA THR A 300 -7.14 -15.96 -6.62
C THR A 300 -6.42 -16.48 -5.38
N LYS A 301 -6.84 -17.66 -4.94
CA LYS A 301 -6.19 -18.32 -3.82
C LYS A 301 -4.90 -18.98 -4.29
N SER A 302 -3.87 -18.91 -3.45
CA SER A 302 -2.62 -19.62 -3.70
C SER A 302 -2.19 -20.34 -2.43
N VAL A 303 -1.30 -21.33 -2.60
CA VAL A 303 -0.70 -21.99 -1.45
C VAL A 303 0.28 -21.02 -0.79
N ALA A 304 0.28 -21.01 0.55
CA ALA A 304 1.24 -20.20 1.31
C ALA A 304 2.11 -21.13 2.15
N THR A 305 3.40 -20.84 2.20
CA THR A 305 4.33 -21.65 2.94
C THR A 305 5.03 -20.79 3.98
N PRO A 306 5.01 -21.15 5.27
CA PRO A 306 5.61 -20.28 6.28
C PRO A 306 7.10 -20.13 6.10
N ILE A 307 7.61 -18.96 6.51
CA ILE A 307 9.03 -18.72 6.67
C ILE A 307 9.25 -18.61 8.18
N VAL A 308 9.82 -19.65 8.78
CA VAL A 308 9.97 -19.72 10.24
C VAL A 308 11.33 -20.32 10.57
N PRO A 309 12.20 -19.55 11.27
CA PRO A 309 12.00 -18.17 11.71
C PRO A 309 11.76 -17.20 10.55
N PRO A 310 11.08 -16.09 10.82
CA PRO A 310 10.79 -15.13 9.74
C PRO A 310 12.07 -14.60 9.11
N LEU A 311 11.97 -14.23 7.83
CA LEU A 311 13.08 -13.61 7.14
C LEU A 311 13.23 -12.17 7.63
N PRO A 312 14.36 -11.78 8.18
CA PRO A 312 14.48 -10.40 8.66
C PRO A 312 14.32 -9.43 7.50
N PRO A 313 13.90 -8.21 7.79
CA PRO A 313 13.92 -7.15 6.77
C PRO A 313 15.25 -7.13 6.03
N GLN A 314 15.17 -7.08 4.70
CA GLN A 314 16.34 -7.21 3.84
C GLN A 314 16.60 -5.92 3.09
N GLU A 315 17.86 -5.77 2.68
CA GLU A 315 18.24 -4.73 1.73
C GLU A 315 18.13 -5.20 0.29
N ASN A 316 18.55 -6.42 0.01
CA ASN A 316 18.70 -6.93 -1.36
C ASN A 316 17.40 -7.48 -1.93
N VAL A 317 16.34 -6.68 -1.87
CA VAL A 317 15.01 -7.09 -2.31
C VAL A 317 14.31 -5.92 -2.97
N TRP A 318 13.31 -6.25 -3.80
CA TRP A 318 12.39 -5.31 -4.41
C TRP A 318 11.09 -5.40 -3.60
N ILE A 319 10.79 -4.33 -2.88
CA ILE A 319 9.59 -4.26 -2.03
C ILE A 319 8.56 -3.41 -2.77
N ASN A 320 7.31 -3.87 -2.78
CA ASN A 320 6.33 -3.17 -3.60
C ASN A 320 4.91 -3.36 -3.10
N LYS A 321 4.02 -2.49 -3.58
CA LYS A 321 2.60 -2.64 -3.34
C LYS A 321 1.82 -1.87 -4.40
N THR A 322 0.79 -2.51 -4.96
CA THR A 322 -0.16 -1.87 -5.85
C THR A 322 -1.35 -1.34 -5.04
N GLY A 323 -2.03 -0.35 -5.63
CA GLY A 323 -3.28 0.10 -5.06
C GLY A 323 -4.18 0.71 -6.11
N SER A 324 -5.48 0.47 -6.00
CA SER A 324 -6.42 1.02 -6.97
C SER A 324 -7.73 1.34 -6.29
N THR A 325 -8.49 2.25 -6.90
CA THR A 325 -9.92 2.40 -6.64
C THR A 325 -10.60 2.43 -8.00
N ASN A 326 -11.93 2.59 -8.01
CA ASN A 326 -12.62 2.65 -9.30
C ASN A 326 -12.08 3.75 -10.18
N GLY A 327 -11.55 4.82 -9.60
CA GLY A 327 -11.08 5.93 -10.38
C GLY A 327 -9.57 6.17 -10.41
N PHE A 328 -8.78 5.35 -9.71
CA PHE A 328 -7.36 5.64 -9.51
C PHE A 328 -6.51 4.39 -9.59
N GLY A 329 -5.24 4.58 -9.98
CA GLY A 329 -4.29 3.49 -10.02
C GLY A 329 -2.92 3.95 -9.53
N ALA A 330 -2.37 3.24 -8.54
CA ALA A 330 -1.15 3.64 -7.85
C ALA A 330 -0.20 2.46 -7.74
N TYR A 331 1.08 2.77 -7.55
CA TYR A 331 2.09 1.74 -7.35
C TYR A 331 3.28 2.35 -6.62
N ILE A 332 3.85 1.58 -5.69
CA ILE A 332 5.11 1.91 -5.03
C ILE A 332 6.05 0.74 -5.18
N ALA A 333 7.31 1.03 -5.48
CA ALA A 333 8.38 0.02 -5.40
C ALA A 333 9.65 0.67 -4.88
N PHE A 334 10.42 -0.07 -4.10
CA PHE A 334 11.70 0.43 -3.65
C PHE A 334 12.66 -0.72 -3.38
N VAL A 335 13.95 -0.43 -3.55
CA VAL A 335 15.02 -1.39 -3.34
C VAL A 335 15.96 -0.81 -2.30
N PRO A 336 15.86 -1.26 -1.04
CA PRO A 336 16.65 -0.60 0.02
C PRO A 336 18.15 -0.62 -0.23
N ALA A 337 18.68 -1.71 -0.81
CA ALA A 337 20.12 -1.80 -1.06
C ALA A 337 20.61 -0.70 -1.98
N LYS A 338 19.74 -0.21 -2.86
CA LYS A 338 20.11 0.82 -3.81
C LYS A 338 19.57 2.20 -3.41
N LYS A 339 18.89 2.29 -2.27
CA LYS A 339 18.25 3.52 -1.82
C LYS A 339 17.50 4.19 -2.96
N MET A 340 16.77 3.38 -3.71
CA MET A 340 16.00 3.91 -4.82
C MET A 340 14.55 3.48 -4.67
N GLY A 341 13.66 4.37 -5.07
CA GLY A 341 12.25 4.09 -4.93
C GLY A 341 11.45 4.94 -5.89
N ILE A 342 10.23 4.49 -6.14
CA ILE A 342 9.33 5.17 -7.06
C ILE A 342 7.90 5.10 -6.53
N VAL A 343 7.18 6.20 -6.71
CA VAL A 343 5.74 6.29 -6.49
C VAL A 343 5.11 6.72 -7.81
N MET A 344 4.11 5.99 -8.28
CA MET A 344 3.39 6.36 -9.49
C MET A 344 1.92 6.47 -9.13
N LEU A 345 1.35 7.67 -9.26
CA LEU A 345 -0.04 7.93 -8.96
C LEU A 345 -0.77 8.37 -10.23
N ALA A 346 -1.95 7.84 -10.44
CA ALA A 346 -2.79 8.18 -11.59
C ALA A 346 -4.24 8.28 -11.15
N ASN A 347 -4.98 9.17 -11.82
CA ASN A 347 -6.43 9.28 -11.61
C ASN A 347 -7.23 8.53 -12.68
N LYS A 348 -6.70 7.39 -13.10
CA LYS A 348 -7.46 6.35 -13.78
C LYS A 348 -6.86 5.03 -13.35
N ASN A 349 -7.71 4.03 -13.16
CA ASN A 349 -7.27 2.68 -12.80
C ASN A 349 -6.87 1.97 -14.10
N TYR A 350 -5.58 1.95 -14.38
CA TYR A 350 -5.02 1.26 -15.54
C TYR A 350 -4.25 0.02 -15.07
N SER A 351 -3.99 -0.89 -16.00
CA SER A 351 -3.63 -2.24 -15.59
C SER A 351 -2.30 -2.31 -14.84
N ILE A 352 -2.26 -3.22 -13.88
CA ILE A 352 -1.11 -3.36 -13.00
C ILE A 352 0.15 -3.72 -13.78
N ASP A 353 0.03 -4.57 -14.80
CA ASP A 353 1.22 -4.94 -15.57
C ASP A 353 1.92 -3.71 -16.13
N GLN A 354 1.16 -2.70 -16.55
CA GLN A 354 1.77 -1.48 -17.06
C GLN A 354 2.45 -0.68 -15.95
N ARG A 355 1.81 -0.59 -14.77
CA ARG A 355 2.45 0.12 -13.65
C ARG A 355 3.79 -0.51 -13.33
N VAL A 356 3.80 -1.84 -13.21
CA VAL A 356 5.01 -2.56 -12.81
C VAL A 356 6.09 -2.45 -13.88
N THR A 357 5.70 -2.56 -15.15
CA THR A 357 6.68 -2.50 -16.23
C THR A 357 7.34 -1.12 -16.30
N VAL A 358 6.53 -0.06 -16.20
CA VAL A 358 7.09 1.29 -16.23
C VAL A 358 8.03 1.50 -15.04
N ALA A 359 7.61 1.08 -13.85
CA ALA A 359 8.46 1.23 -12.67
C ALA A 359 9.77 0.46 -12.83
N TYR A 360 9.69 -0.75 -13.35
CA TYR A 360 10.89 -1.55 -13.57
C TYR A 360 11.85 -0.85 -14.53
N LYS A 361 11.32 -0.31 -15.63
CA LYS A 361 12.18 0.39 -16.58
C LYS A 361 12.80 1.62 -15.95
N ILE A 362 12.05 2.38 -15.17
CA ILE A 362 12.59 3.57 -14.54
C ILE A 362 13.69 3.22 -13.54
N LEU A 363 13.40 2.32 -12.61
CA LEU A 363 14.42 2.00 -11.62
C LEU A 363 15.65 1.37 -12.26
N SER A 364 15.46 0.54 -13.28
CA SER A 364 16.60 -0.08 -13.93
C SER A 364 17.51 0.95 -14.62
N SER A 365 16.99 2.13 -14.96
CA SER A 365 17.77 3.16 -15.62
C SER A 365 18.67 3.94 -14.66
N LEU A 366 18.55 3.74 -13.35
CA LEU A 366 19.12 4.67 -12.38
C LEU A 366 20.59 4.42 -12.04
N GLU A 367 21.19 3.33 -12.49
CA GLU A 367 22.64 3.18 -12.37
C GLU A 367 23.12 2.28 -13.50
N GLY A 368 24.42 2.30 -13.72
CA GLY A 368 25.02 1.47 -14.75
C GLY A 368 25.00 0.01 -14.37
N ASN A 369 25.29 -0.83 -15.37
CA ASN A 369 25.32 -2.27 -15.18
C ASN A 369 26.70 -2.72 -14.73
N LYS A 370 26.74 -3.63 -13.75
CA LYS A 370 27.99 -4.19 -13.28
C LYS A 370 27.76 -5.62 -12.82
#